data_6LZQ
#
_entry.id   6LZQ
#
_cell.length_a   61.833
_cell.length_b   56.838
_cell.length_c   81.864
_cell.angle_alpha   90.00
_cell.angle_beta   99.40
_cell.angle_gamma   90.00
#
_symmetry.space_group_name_H-M   'P 1 21 1'
#
loop_
_entity.id
_entity.type
_entity.pdbx_description
1 polymer 'Peptide ABC transporter, periplasmic peptide-binding protein'
2 branched 2-acetamido-2-deoxy-beta-D-glucopyranose-(1-4)-2-acetamido-2-deoxy-beta-D-glucopyranose-(1-4)-2-acetamido-2-deoxy-alpha-D-glucopyranose
3 non-polymer 1,2-ETHANEDIOL
4 non-polymer 'MAGNESIUM ION'
5 non-polymer 'CALCIUM ION'
6 non-polymer 'CHLORIDE ION'
7 water water
#
_entity_poly.entity_id   1
_entity_poly.type   'polypeptide(L)'
_entity_poly.pdbx_seq_one_letter_code
;AERSELTIHPKEFTTFVRNFNPFLGATNLHTTTDFIYEPLVVFNEMHGNTPVFRLAENFQMSDDLMSVTFDIRKGVKWSD
GEAFTADDVVYSFNLVKEKPELDQSGINSWVTGVEKVNDYQVKFRLSEANSNVPYEIAKVPVVPKHVWSKVKDPSTFTNE
NPVGSGPFTVIDTFTPQLYIQCENPNYWDAANLDVDCLRVPQIANNDQFLGKVVNGEMDWTSSFVPDIDRTYAAASPKHH
YWYPPAGTQAFVVNFKNPDAAKNEALTNVDFRRAFSMALDRQTIIDIAFYGGGTVNDFASGLGYAFEAWSDEKTHDKFKA
YNSYNAEGAKKLLAKAGFKDVNKDGFVDTPSGKSFELLIQSPNGWTDFNNTVQLAVEQLAEVGIKARARTPDFSVYNQAM
LEGTYDVAYTNYFHGADPYTYWNSAYNSALQSGDGMPRFAMHFYKNEKLDGLLNSFYKTADKQEQLEIAHGIQQIIAQDQ
VTIPVLSGAYMYQYNTTRFTGWWNEENPKGRPNIWAGIPERLLHVLDLKPVKLEHHHHHH
;
_entity_poly.pdbx_strand_id   A
#
# COMPACT_ATOMS: atom_id res chain seq x y z
N GLU A 2 0.08 -2.68 -35.54
CA GLU A 2 0.82 -3.94 -35.64
C GLU A 2 1.01 -4.62 -34.26
N ARG A 3 1.07 -3.80 -33.21
CA ARG A 3 1.12 -4.33 -31.86
C ARG A 3 0.27 -3.45 -30.93
N SER A 4 -0.37 -4.07 -29.95
CA SER A 4 -1.16 -3.33 -28.99
C SER A 4 -0.28 -2.80 -27.88
N GLU A 5 -0.39 -1.52 -27.60
CA GLU A 5 0.39 -0.90 -26.52
C GLU A 5 -0.58 -0.33 -25.48
N LEU A 6 -0.47 -0.83 -24.26
CA LEU A 6 -1.36 -0.43 -23.16
C LEU A 6 -0.69 0.62 -22.29
N THR A 7 -1.26 1.83 -22.25
CA THR A 7 -0.61 2.94 -21.53
C THR A 7 -1.09 2.96 -20.09
N ILE A 8 -0.14 2.78 -19.18
CA ILE A 8 -0.43 2.56 -17.77
C ILE A 8 0.34 3.58 -16.93
N HIS A 9 -0.08 3.75 -15.68
CA HIS A 9 0.55 4.73 -14.79
C HIS A 9 0.57 4.21 -13.35
N PRO A 10 1.55 3.36 -13.02
CA PRO A 10 1.56 2.78 -11.67
C PRO A 10 2.18 3.67 -10.57
N LYS A 11 2.97 4.65 -10.95
CA LYS A 11 3.76 5.39 -9.94
C LYS A 11 4.28 6.68 -10.52
N GLU A 12 4.19 7.77 -9.76
CA GLU A 12 4.75 9.01 -10.27
C GLU A 12 6.28 9.00 -10.15
N PHE A 13 6.93 9.56 -11.18
CA PHE A 13 8.38 9.74 -11.27
C PHE A 13 8.63 11.11 -11.89
N THR A 14 9.72 11.78 -11.54
CA THR A 14 10.15 12.94 -12.32
C THR A 14 10.98 12.49 -13.50
N THR A 15 11.72 11.41 -13.30
CA THR A 15 12.53 10.86 -14.38
C THR A 15 12.69 9.34 -14.18
N PHE A 16 12.72 8.59 -15.28
CA PHE A 16 12.90 7.13 -15.19
C PHE A 16 14.37 6.78 -15.10
N VAL A 17 14.73 6.06 -14.04
CA VAL A 17 16.06 5.45 -13.93
C VAL A 17 15.88 3.95 -14.19
N ARG A 18 16.74 3.37 -15.02
CA ARG A 18 16.53 1.97 -15.41
C ARG A 18 16.87 1.02 -14.27
N ASN A 19 15.84 0.60 -13.54
CA ASN A 19 16.03 -0.31 -12.41
C ASN A 19 14.84 -1.24 -12.33
N PHE A 20 15.10 -2.53 -12.59
CA PHE A 20 14.07 -3.55 -12.53
C PHE A 20 14.39 -4.58 -11.46
N ASN A 21 15.09 -4.17 -10.40
CA ASN A 21 15.32 -5.02 -9.25
C ASN A 21 14.07 -5.07 -8.38
N PRO A 22 13.42 -6.25 -8.30
CA PRO A 22 12.15 -6.42 -7.58
C PRO A 22 12.28 -6.28 -6.04
N PHE A 23 13.50 -6.33 -5.51
CA PHE A 23 13.70 -6.19 -4.06
C PHE A 23 13.95 -4.75 -3.65
N LEU A 24 14.20 -3.89 -4.63
CA LEU A 24 14.60 -2.51 -4.36
C LEU A 24 13.45 -1.53 -4.52
N GLY A 25 12.49 -1.60 -3.60
CA GLY A 25 11.27 -0.85 -3.74
C GLY A 25 11.41 0.66 -3.68
N ALA A 26 12.49 1.14 -3.09
CA ALA A 26 12.71 2.59 -2.99
C ALA A 26 13.16 3.20 -4.31
N THR A 27 13.69 2.38 -5.22
CA THR A 27 14.37 2.90 -6.41
C THR A 27 13.99 2.21 -7.73
N ASN A 28 13.21 1.14 -7.68
CA ASN A 28 12.90 0.45 -8.93
C ASN A 28 11.71 1.07 -9.67
N LEU A 29 11.48 0.57 -10.86
CA LEU A 29 10.30 0.93 -11.64
C LEU A 29 9.14 0.03 -11.21
N HIS A 30 7.93 0.57 -11.28
CA HIS A 30 6.80 -0.12 -10.68
C HIS A 30 6.03 -0.99 -11.64
N THR A 31 6.74 -1.51 -12.63
CA THR A 31 6.22 -2.54 -13.52
C THR A 31 7.08 -3.80 -13.41
N THR A 32 7.86 -3.90 -12.33
CA THR A 32 8.79 -5.02 -12.14
C THR A 32 8.11 -6.22 -11.52
N THR A 33 7.53 -6.02 -10.34
CA THR A 33 6.75 -7.06 -9.71
C THR A 33 5.50 -7.33 -10.55
N ASP A 34 5.05 -8.58 -10.54
CA ASP A 34 3.90 -9.05 -11.34
C ASP A 34 4.21 -9.14 -12.85
N PHE A 35 4.65 -8.04 -13.45
CA PHE A 35 4.77 -8.00 -14.91
C PHE A 35 6.08 -8.60 -15.43
N ILE A 36 7.16 -8.44 -14.68
CA ILE A 36 8.42 -9.14 -15.00
C ILE A 36 8.59 -10.38 -14.12
N TYR A 37 8.36 -10.23 -12.82
CA TYR A 37 8.46 -11.36 -11.91
C TYR A 37 7.11 -11.77 -11.40
N GLU A 38 6.55 -12.78 -12.07
CA GLU A 38 5.24 -13.30 -11.74
C GLU A 38 5.29 -14.05 -10.39
N PRO A 39 4.22 -13.94 -9.59
CA PRO A 39 4.18 -14.60 -8.28
C PRO A 39 3.87 -16.10 -8.37
N LEU A 40 4.08 -16.80 -7.27
CA LEU A 40 3.67 -18.20 -7.18
C LEU A 40 2.16 -18.32 -7.26
N VAL A 41 1.50 -17.39 -6.55
CA VAL A 41 0.06 -17.40 -6.34
C VAL A 41 -0.39 -15.94 -6.23
N VAL A 42 -1.55 -15.62 -6.80
CA VAL A 42 -2.17 -14.32 -6.59
C VAL A 42 -3.41 -14.56 -5.73
N PHE A 43 -3.45 -13.99 -4.54
CA PHE A 43 -4.66 -14.11 -3.74
C PHE A 43 -5.62 -12.99 -4.13
N ASN A 44 -6.83 -13.37 -4.51
CA ASN A 44 -7.81 -12.38 -4.94
C ASN A 44 -8.48 -11.75 -3.72
N GLU A 45 -7.97 -10.61 -3.29
CA GLU A 45 -8.38 -10.10 -1.99
C GLU A 45 -9.84 -9.67 -1.96
N MET A 46 -10.34 -9.17 -3.09
CA MET A 46 -11.72 -8.72 -3.17
C MET A 46 -12.69 -9.89 -3.07
N HIS A 47 -12.22 -11.08 -3.44
CA HIS A 47 -13.05 -12.26 -3.40
C HIS A 47 -12.56 -13.27 -2.36
N GLY A 48 -12.47 -12.82 -1.12
CA GLY A 48 -12.13 -13.65 0.03
C GLY A 48 -10.76 -14.32 -0.03
N ASN A 49 -9.76 -13.62 -0.55
CA ASN A 49 -8.42 -14.18 -0.70
C ASN A 49 -8.40 -15.52 -1.40
N THR A 50 -9.26 -15.68 -2.40
CA THR A 50 -9.22 -16.87 -3.23
C THR A 50 -7.89 -16.98 -3.94
N PRO A 51 -7.20 -18.11 -3.78
CA PRO A 51 -5.89 -18.22 -4.43
C PRO A 51 -6.00 -18.54 -5.92
N VAL A 52 -5.30 -17.75 -6.74
CA VAL A 52 -5.23 -18.02 -8.15
C VAL A 52 -3.82 -18.48 -8.43
N PHE A 53 -3.66 -19.75 -8.78
CA PHE A 53 -2.33 -20.34 -8.93
C PHE A 53 -1.66 -19.93 -10.23
N ARG A 54 -0.43 -19.46 -10.12
CA ARG A 54 0.35 -19.04 -11.27
C ARG A 54 1.59 -19.94 -11.45
N LEU A 55 2.75 -19.51 -10.92
CA LEU A 55 3.95 -20.32 -11.09
C LEU A 55 3.97 -21.50 -10.12
N ALA A 56 3.13 -21.45 -9.09
CA ALA A 56 2.87 -22.64 -8.30
C ALA A 56 1.49 -23.18 -8.67
N GLU A 57 1.32 -24.51 -8.70
CA GLU A 57 0.00 -25.08 -9.00
C GLU A 57 -0.73 -25.52 -7.74
N ASN A 58 -0.02 -25.52 -6.62
CA ASN A 58 -0.63 -25.89 -5.33
C ASN A 58 0.29 -25.58 -4.15
N PHE A 59 -0.30 -25.43 -2.97
CA PHE A 59 0.48 -25.42 -1.75
C PHE A 59 -0.27 -26.17 -0.67
N GLN A 60 0.46 -26.61 0.35
CA GLN A 60 -0.13 -27.41 1.40
C GLN A 60 0.54 -27.17 2.74
N MET A 61 -0.25 -26.70 3.68
CA MET A 61 0.20 -26.48 5.04
C MET A 61 0.25 -27.76 5.85
N SER A 62 1.17 -27.78 6.82
CA SER A 62 1.31 -28.92 7.70
C SER A 62 0.27 -28.87 8.80
N ASP A 63 0.10 -30.02 9.44
CA ASP A 63 -0.75 -30.19 10.62
C ASP A 63 -0.80 -28.98 11.55
N ASP A 64 0.36 -28.55 12.03
CA ASP A 64 0.44 -27.63 13.15
C ASP A 64 0.65 -26.19 12.72
N LEU A 65 0.62 -25.95 11.41
CA LEU A 65 0.90 -24.66 10.80
C LEU A 65 2.36 -24.23 10.98
N MET A 66 3.26 -25.20 11.13
CA MET A 66 4.68 -24.90 11.34
C MET A 66 5.49 -25.02 10.05
N SER A 67 4.85 -25.49 8.98
CA SER A 67 5.51 -25.55 7.69
C SER A 67 4.50 -25.54 6.56
N VAL A 68 4.95 -25.27 5.34
CA VAL A 68 4.09 -25.35 4.17
C VAL A 68 4.95 -25.76 2.98
N THR A 69 4.37 -26.57 2.09
CA THR A 69 5.06 -27.00 0.88
C THR A 69 4.35 -26.39 -0.33
N PHE A 70 5.14 -25.87 -1.27
CA PHE A 70 4.61 -25.34 -2.52
C PHE A 70 4.98 -26.27 -3.66
N ASP A 71 4.03 -26.56 -4.54
CA ASP A 71 4.28 -27.33 -5.77
C ASP A 71 4.46 -26.39 -6.97
N ILE A 72 5.61 -26.49 -7.63
CA ILE A 72 5.93 -25.61 -8.75
C ILE A 72 5.37 -26.16 -10.05
N ARG A 73 4.74 -25.29 -10.84
CA ARG A 73 4.22 -25.68 -12.14
C ARG A 73 5.36 -26.10 -13.06
N LYS A 74 5.25 -27.28 -13.65
CA LYS A 74 6.26 -27.75 -14.57
C LYS A 74 6.07 -27.13 -15.95
N GLY A 75 7.17 -26.99 -16.69
CA GLY A 75 7.08 -26.51 -18.06
C GLY A 75 7.15 -24.99 -18.19
N VAL A 76 7.37 -24.29 -17.08
CA VAL A 76 7.47 -22.82 -17.13
C VAL A 76 8.91 -22.37 -17.40
N LYS A 77 9.07 -21.45 -18.34
CA LYS A 77 10.40 -20.98 -18.71
C LYS A 77 10.62 -19.52 -18.29
N TRP A 78 11.86 -19.20 -17.92
CA TRP A 78 12.31 -17.81 -17.86
C TRP A 78 12.33 -17.22 -19.27
N SER A 79 12.40 -15.90 -19.37
CA SER A 79 12.35 -15.25 -20.67
C SER A 79 13.54 -15.59 -21.56
N ASP A 80 14.63 -16.06 -20.95
CA ASP A 80 15.80 -16.48 -21.73
C ASP A 80 15.74 -17.97 -22.10
N GLY A 81 14.64 -18.63 -21.77
CA GLY A 81 14.43 -20.01 -22.17
C GLY A 81 14.81 -21.06 -21.14
N GLU A 82 15.49 -20.65 -20.07
CA GLU A 82 15.83 -21.57 -18.99
C GLU A 82 14.59 -21.95 -18.17
N ALA A 83 14.68 -23.07 -17.45
CA ALA A 83 13.52 -23.59 -16.72
C ALA A 83 13.30 -22.89 -15.39
N PHE A 84 12.02 -22.68 -15.07
CA PHE A 84 11.64 -22.17 -13.77
C PHE A 84 11.46 -23.36 -12.83
N THR A 85 12.32 -23.47 -11.82
CA THR A 85 12.23 -24.61 -10.91
C THR A 85 12.37 -24.18 -9.45
N ALA A 86 12.29 -25.16 -8.56
CA ALA A 86 12.38 -24.93 -7.13
C ALA A 86 13.66 -24.18 -6.77
N ASP A 87 14.71 -24.44 -7.56
CA ASP A 87 16.02 -23.79 -7.40
C ASP A 87 15.89 -22.28 -7.25
N ASP A 88 15.02 -21.70 -8.06
CA ASP A 88 14.86 -20.26 -8.11
C ASP A 88 14.14 -19.75 -6.87
N VAL A 89 13.16 -20.52 -6.42
CA VAL A 89 12.39 -20.14 -5.24
C VAL A 89 13.27 -20.22 -4.00
N VAL A 90 14.01 -21.32 -3.90
CA VAL A 90 14.90 -21.54 -2.77
C VAL A 90 15.97 -20.45 -2.67
N TYR A 91 16.59 -20.14 -3.80
CA TYR A 91 17.58 -19.07 -3.87
C TYR A 91 17.00 -17.70 -3.49
N SER A 92 15.82 -17.38 -4.01
CA SER A 92 15.24 -16.06 -3.76
C SER A 92 14.97 -15.86 -2.29
N PHE A 93 14.47 -16.90 -1.61
CA PHE A 93 14.18 -16.78 -0.20
C PHE A 93 15.44 -16.77 0.66
N ASN A 94 16.44 -17.53 0.25
CA ASN A 94 17.72 -17.51 0.95
C ASN A 94 18.38 -16.14 0.80
N LEU A 95 18.28 -15.56 -0.40
CA LEU A 95 18.82 -14.23 -0.64
C LEU A 95 18.21 -13.19 0.31
N VAL A 96 16.88 -13.18 0.43
CA VAL A 96 16.20 -12.26 1.33
C VAL A 96 16.56 -12.52 2.80
N LYS A 97 16.78 -13.78 3.16
CA LYS A 97 17.18 -14.11 4.52
C LYS A 97 18.60 -13.59 4.81
N GLU A 98 19.52 -13.85 3.88
CA GLU A 98 20.91 -13.44 4.04
C GLU A 98 21.10 -11.93 3.93
N LYS A 99 20.21 -11.28 3.20
CA LYS A 99 20.29 -9.84 2.98
C LYS A 99 18.99 -9.17 3.37
N PRO A 100 18.76 -8.99 4.68
CA PRO A 100 17.45 -8.58 5.20
C PRO A 100 17.00 -7.18 4.78
N GLU A 101 17.88 -6.40 4.15
CA GLU A 101 17.49 -5.10 3.64
C GLU A 101 16.62 -5.29 2.39
N LEU A 102 16.54 -6.52 1.89
CA LEU A 102 15.71 -6.84 0.72
C LEU A 102 14.35 -7.41 1.14
N ASP A 103 14.17 -7.58 2.45
CA ASP A 103 12.90 -8.01 3.03
C ASP A 103 12.00 -6.78 3.18
N GLN A 104 11.01 -6.66 2.30
CA GLN A 104 10.14 -5.49 2.36
C GLN A 104 8.84 -5.77 3.09
N SER A 105 8.63 -7.01 3.51
CA SER A 105 7.36 -7.38 4.13
C SER A 105 7.50 -7.88 5.56
N GLY A 106 8.69 -8.34 5.92
CA GLY A 106 8.91 -8.94 7.22
C GLY A 106 8.83 -10.45 7.14
N ILE A 107 9.04 -10.99 5.94
CA ILE A 107 8.95 -12.43 5.69
C ILE A 107 9.98 -13.19 6.52
N ASN A 108 11.12 -12.55 6.78
CA ASN A 108 12.18 -13.21 7.54
C ASN A 108 11.73 -13.53 8.96
N SER A 109 10.78 -12.76 9.47
CA SER A 109 10.26 -13.01 10.80
C SER A 109 9.45 -14.31 10.85
N TRP A 110 9.00 -14.76 9.67
CA TRP A 110 8.10 -15.90 9.61
C TRP A 110 8.75 -17.17 9.09
N VAL A 111 9.60 -17.03 8.08
CA VAL A 111 10.24 -18.20 7.50
C VAL A 111 11.68 -18.33 7.99
N THR A 112 11.97 -19.41 8.70
CA THR A 112 13.31 -19.63 9.24
C THR A 112 14.21 -20.36 8.27
N GLY A 113 13.61 -21.10 7.33
CA GLY A 113 14.39 -21.86 6.40
C GLY A 113 13.57 -22.34 5.22
N VAL A 114 14.25 -22.60 4.11
CA VAL A 114 13.63 -23.07 2.89
C VAL A 114 14.39 -24.28 2.42
N GLU A 115 13.68 -25.30 1.95
CA GLU A 115 14.30 -26.55 1.54
C GLU A 115 13.75 -27.02 0.20
N LYS A 116 14.65 -27.40 -0.70
CA LYS A 116 14.26 -28.01 -1.96
C LYS A 116 13.89 -29.48 -1.70
N VAL A 117 12.63 -29.83 -1.94
CA VAL A 117 12.18 -31.21 -1.79
C VAL A 117 12.54 -32.00 -3.04
N ASN A 118 12.26 -31.39 -4.18
CA ASN A 118 12.75 -31.85 -5.48
C ASN A 118 12.62 -30.67 -6.44
N ASP A 119 12.88 -30.90 -7.72
CA ASP A 119 12.92 -29.83 -8.71
C ASP A 119 11.63 -29.02 -8.78
N TYR A 120 10.53 -29.54 -8.25
CA TYR A 120 9.26 -28.86 -8.38
C TYR A 120 8.45 -28.77 -7.10
N GLN A 121 9.14 -28.85 -5.97
CA GLN A 121 8.49 -28.67 -4.67
C GLN A 121 9.45 -28.04 -3.69
N VAL A 122 8.96 -27.02 -2.98
CA VAL A 122 9.73 -26.34 -1.95
C VAL A 122 9.01 -26.41 -0.61
N LYS A 123 9.75 -26.66 0.46
CA LYS A 123 9.16 -26.64 1.79
C LYS A 123 9.70 -25.46 2.58
N PHE A 124 8.80 -24.74 3.25
CA PHE A 124 9.16 -23.61 4.09
C PHE A 124 8.92 -23.95 5.56
N ARG A 125 9.91 -23.72 6.40
CA ARG A 125 9.77 -23.91 7.84
C ARG A 125 9.50 -22.58 8.52
N LEU A 126 8.56 -22.57 9.44
CA LEU A 126 8.15 -21.32 10.08
C LEU A 126 8.71 -21.16 11.49
N SER A 127 8.93 -19.92 11.89
CA SER A 127 9.37 -19.60 13.23
C SER A 127 8.22 -19.73 14.21
N GLU A 128 7.00 -19.68 13.68
CA GLU A 128 5.79 -19.62 14.50
C GLU A 128 4.60 -20.12 13.70
N ALA A 129 3.54 -20.54 14.38
CA ALA A 129 2.32 -21.00 13.70
C ALA A 129 1.62 -19.83 13.01
N ASN A 130 1.28 -20.01 11.73
CA ASN A 130 0.70 -18.94 10.94
C ASN A 130 -0.04 -19.48 9.72
N SER A 131 -1.34 -19.62 9.85
CA SER A 131 -2.17 -20.12 8.76
C SER A 131 -2.17 -19.19 7.54
N ASN A 132 -1.73 -17.94 7.74
CA ASN A 132 -1.70 -16.93 6.67
C ASN A 132 -0.38 -16.88 5.88
N VAL A 133 0.57 -17.74 6.22
CA VAL A 133 1.90 -17.63 5.62
C VAL A 133 1.99 -17.89 4.10
N PRO A 134 1.07 -18.68 3.48
CA PRO A 134 1.21 -18.73 2.01
C PRO A 134 1.01 -17.36 1.38
N TYR A 135 0.11 -16.58 1.97
CA TYR A 135 -0.12 -15.20 1.53
C TYR A 135 1.17 -14.39 1.66
N GLU A 136 1.86 -14.58 2.78
CA GLU A 136 3.11 -13.85 3.01
C GLU A 136 4.18 -14.30 2.03
N ILE A 137 4.24 -15.61 1.80
CA ILE A 137 5.25 -16.19 0.93
C ILE A 137 5.10 -15.65 -0.50
N ALA A 138 3.87 -15.44 -0.92
CA ALA A 138 3.62 -15.02 -2.30
C ALA A 138 4.13 -13.60 -2.57
N LYS A 139 4.36 -12.82 -1.50
CA LYS A 139 4.84 -11.43 -1.65
C LYS A 139 6.30 -11.37 -2.11
N VAL A 140 7.05 -12.44 -1.91
CA VAL A 140 8.48 -12.44 -2.18
C VAL A 140 8.78 -12.71 -3.65
N PRO A 141 9.52 -11.79 -4.28
CA PRO A 141 9.87 -11.95 -5.70
C PRO A 141 10.73 -13.18 -5.91
N VAL A 142 10.41 -13.99 -6.92
CA VAL A 142 11.25 -15.10 -7.31
C VAL A 142 12.01 -14.73 -8.56
N VAL A 143 13.33 -14.72 -8.45
CA VAL A 143 14.23 -14.31 -9.53
C VAL A 143 15.05 -15.50 -10.02
N PRO A 144 15.56 -15.45 -11.26
CA PRO A 144 16.30 -16.60 -11.83
C PRO A 144 17.69 -16.79 -11.22
N LYS A 145 17.85 -17.89 -10.47
CA LYS A 145 19.11 -18.19 -9.80
C LYS A 145 20.30 -18.22 -10.77
N HIS A 146 20.07 -18.66 -12.00
CA HIS A 146 21.17 -18.78 -12.94
C HIS A 146 21.70 -17.42 -13.36
N VAL A 147 20.92 -16.38 -13.13
CA VAL A 147 21.37 -15.02 -13.41
C VAL A 147 21.86 -14.35 -12.13
N TRP A 148 21.01 -14.36 -11.12
CA TRP A 148 21.25 -13.56 -9.92
C TRP A 148 22.35 -14.09 -9.00
N SER A 149 22.65 -15.40 -9.08
CA SER A 149 23.70 -15.99 -8.25
C SER A 149 25.08 -15.51 -8.68
N LYS A 150 25.17 -14.92 -9.87
CA LYS A 150 26.43 -14.48 -10.43
C LYS A 150 26.58 -12.97 -10.31
N VAL A 151 25.47 -12.32 -9.98
CA VAL A 151 25.44 -10.89 -9.76
C VAL A 151 26.36 -10.50 -8.60
N LYS A 152 27.15 -9.46 -8.84
CA LYS A 152 27.99 -8.79 -7.87
C LYS A 152 27.31 -8.67 -6.48
N ASP A 153 26.49 -7.64 -6.32
CA ASP A 153 25.69 -7.48 -5.10
C ASP A 153 24.23 -7.21 -5.44
N PRO A 154 23.35 -8.20 -5.15
CA PRO A 154 21.91 -8.10 -5.44
C PRO A 154 21.26 -6.88 -4.81
N SER A 155 21.82 -6.36 -3.72
CA SER A 155 21.21 -5.23 -3.05
C SER A 155 21.49 -3.91 -3.77
N THR A 156 22.40 -3.94 -4.75
CA THR A 156 22.72 -2.75 -5.53
C THR A 156 22.67 -3.03 -7.03
N PHE A 157 22.20 -4.22 -7.37
CA PHE A 157 22.06 -4.64 -8.76
C PHE A 157 20.87 -3.92 -9.38
N THR A 158 21.09 -3.21 -10.47
CA THR A 158 20.00 -2.44 -11.08
C THR A 158 19.15 -3.30 -12.04
N ASN A 159 19.71 -4.42 -12.51
CA ASN A 159 18.94 -5.38 -13.32
C ASN A 159 18.34 -4.73 -14.56
N GLU A 160 19.19 -4.09 -15.38
CA GLU A 160 18.71 -3.28 -16.51
C GLU A 160 18.23 -4.09 -17.70
N ASN A 161 18.63 -5.35 -17.76
CA ASN A 161 18.20 -6.27 -18.82
C ASN A 161 17.55 -7.50 -18.21
N PRO A 162 16.33 -7.35 -17.67
CA PRO A 162 15.78 -8.38 -16.80
C PRO A 162 15.44 -9.68 -17.51
N VAL A 163 15.76 -10.78 -16.81
CA VAL A 163 15.27 -12.11 -17.19
C VAL A 163 14.10 -12.41 -16.27
N GLY A 164 12.93 -12.61 -16.85
CA GLY A 164 11.74 -12.73 -16.04
C GLY A 164 10.82 -13.89 -16.41
N SER A 165 9.81 -14.09 -15.56
CA SER A 165 8.85 -15.16 -15.69
C SER A 165 7.49 -14.66 -16.12
N GLY A 166 7.25 -13.36 -15.94
CA GLY A 166 5.96 -12.76 -16.18
C GLY A 166 5.72 -12.36 -17.62
N PRO A 167 4.57 -11.73 -17.88
CA PRO A 167 4.16 -11.53 -19.27
C PRO A 167 4.99 -10.51 -20.04
N PHE A 168 5.63 -9.56 -19.38
CA PHE A 168 6.29 -8.47 -20.11
C PHE A 168 7.71 -8.27 -19.63
N THR A 169 8.66 -8.86 -20.33
CA THR A 169 10.05 -8.86 -19.88
C THR A 169 10.99 -8.12 -20.81
N VAL A 170 10.52 -7.82 -22.02
CA VAL A 170 11.37 -7.16 -22.99
C VAL A 170 11.29 -5.65 -22.87
N ILE A 171 12.44 -5.02 -22.69
CA ILE A 171 12.52 -3.56 -22.66
C ILE A 171 12.72 -3.02 -24.07
N ASP A 172 11.61 -2.72 -24.73
CA ASP A 172 11.59 -2.29 -26.14
C ASP A 172 12.11 -0.88 -26.39
N THR A 173 11.69 0.06 -25.53
CA THR A 173 12.11 1.45 -25.62
C THR A 173 12.39 1.94 -24.23
N PHE A 174 13.43 2.75 -24.03
CA PHE A 174 13.64 3.30 -22.71
C PHE A 174 14.23 4.69 -22.82
N THR A 175 13.50 5.66 -22.31
CA THR A 175 13.98 7.03 -22.23
C THR A 175 13.66 7.52 -20.81
N PRO A 176 14.27 8.65 -20.41
CA PRO A 176 13.92 9.15 -19.07
C PRO A 176 12.44 9.49 -18.93
N GLN A 177 11.70 9.62 -20.03
CA GLN A 177 10.31 10.01 -19.90
C GLN A 177 9.33 9.04 -20.51
N LEU A 178 9.83 7.92 -21.01
CA LEU A 178 8.96 6.89 -21.56
C LEU A 178 9.70 5.57 -21.66
N TYR A 179 9.09 4.50 -21.20
CA TYR A 179 9.60 3.19 -21.57
C TYR A 179 8.48 2.24 -21.98
N ILE A 180 8.84 1.24 -22.77
CA ILE A 180 7.87 0.31 -23.30
C ILE A 180 8.37 -1.09 -23.01
N GLN A 181 7.49 -1.89 -22.41
CA GLN A 181 7.83 -3.18 -21.87
C GLN A 181 7.03 -4.24 -22.63
N CYS A 182 7.70 -5.06 -23.44
CA CYS A 182 7.02 -5.94 -24.38
C CYS A 182 7.01 -7.40 -23.95
N GLU A 183 6.20 -8.19 -24.65
CA GLU A 183 5.88 -9.54 -24.23
C GLU A 183 7.10 -10.45 -24.11
N ASN A 184 7.15 -11.17 -22.99
CA ASN A 184 8.09 -12.26 -22.78
C ASN A 184 7.90 -13.31 -23.86
N PRO A 185 8.93 -13.51 -24.70
CA PRO A 185 8.82 -14.43 -25.85
C PRO A 185 8.63 -15.88 -25.42
N ASN A 186 8.86 -16.16 -24.14
CA ASN A 186 8.72 -17.51 -23.62
C ASN A 186 7.64 -17.64 -22.55
N TYR A 187 6.70 -16.70 -22.54
CA TYR A 187 5.71 -16.62 -21.48
C TYR A 187 4.86 -17.88 -21.39
N TRP A 188 4.81 -18.48 -20.21
CA TRP A 188 4.11 -19.75 -20.02
C TRP A 188 2.60 -19.64 -20.25
N ASP A 189 2.05 -18.45 -20.06
CA ASP A 189 0.60 -18.28 -20.18
C ASP A 189 0.26 -17.40 -21.37
N ALA A 190 1.08 -17.50 -22.43
CA ALA A 190 0.92 -16.65 -23.61
C ALA A 190 -0.43 -16.77 -24.30
N ALA A 191 -1.05 -17.95 -24.23
CA ALA A 191 -2.32 -18.15 -24.91
C ALA A 191 -3.44 -17.30 -24.29
N ASN A 192 -3.20 -16.85 -23.06
CA ASN A 192 -4.20 -16.12 -22.28
C ASN A 192 -4.00 -14.61 -22.40
N LEU A 193 -2.83 -14.23 -22.95
CA LEU A 193 -2.41 -12.83 -23.06
C LEU A 193 -2.68 -12.22 -24.43
N ASP A 194 -3.36 -11.09 -24.47
CA ASP A 194 -3.69 -10.47 -25.75
C ASP A 194 -3.14 -9.05 -25.88
N VAL A 195 -2.45 -8.60 -24.83
CA VAL A 195 -1.77 -7.32 -24.86
C VAL A 195 -0.29 -7.52 -25.21
N ASP A 196 0.22 -6.77 -26.17
CA ASP A 196 1.63 -6.96 -26.59
C ASP A 196 2.64 -6.24 -25.71
N CYS A 197 2.33 -5.02 -25.32
CA CYS A 197 3.30 -4.14 -24.67
C CYS A 197 2.64 -3.31 -23.58
N LEU A 198 3.41 -3.03 -22.54
CA LEU A 198 3.08 -1.96 -21.59
C LEU A 198 3.83 -0.68 -21.95
N ARG A 199 3.07 0.41 -22.03
CA ARG A 199 3.63 1.70 -22.39
C ARG A 199 3.54 2.60 -21.17
N VAL A 200 4.68 3.06 -20.66
CA VAL A 200 4.74 3.72 -19.35
C VAL A 200 5.35 5.12 -19.49
N PRO A 201 4.49 6.16 -19.50
CA PRO A 201 4.94 7.55 -19.60
C PRO A 201 5.31 8.13 -18.25
N GLN A 202 6.27 9.03 -18.22
CA GLN A 202 6.65 9.65 -16.95
C GLN A 202 5.70 10.79 -16.59
N ILE A 203 5.07 10.68 -15.43
CA ILE A 203 4.13 11.65 -14.91
C ILE A 203 4.49 11.97 -13.46
N ALA A 204 4.73 13.24 -13.14
CA ALA A 204 5.29 13.59 -11.84
C ALA A 204 4.29 13.87 -10.71
N ASN A 205 3.08 14.27 -11.05
CA ASN A 205 2.14 14.64 -9.99
C ASN A 205 0.73 14.61 -10.52
N ASN A 206 -0.24 14.91 -9.66
CA ASN A 206 -1.64 14.79 -10.07
C ASN A 206 -2.04 15.84 -11.10
N ASP A 207 -1.40 17.00 -11.04
CA ASP A 207 -1.63 18.08 -12.00
C ASP A 207 -1.28 17.63 -13.41
N GLN A 208 -0.08 17.07 -13.57
CA GLN A 208 0.33 16.60 -14.88
C GLN A 208 -0.53 15.45 -15.35
N PHE A 209 -0.94 14.60 -14.40
CA PHE A 209 -1.82 13.50 -14.72
C PHE A 209 -3.16 13.95 -15.28
N LEU A 210 -3.76 14.93 -14.62
CA LEU A 210 -5.11 15.36 -14.95
C LEU A 210 -5.22 15.75 -16.42
N GLY A 211 -4.26 16.52 -16.90
CA GLY A 211 -4.25 16.96 -18.28
C GLY A 211 -4.23 15.79 -19.24
N LYS A 212 -3.38 14.81 -18.96
CA LYS A 212 -3.24 13.65 -19.86
C LYS A 212 -4.48 12.77 -19.83
N VAL A 213 -5.04 12.54 -18.65
CA VAL A 213 -6.13 11.58 -18.59
C VAL A 213 -7.40 12.15 -19.20
N VAL A 214 -7.64 13.44 -19.01
CA VAL A 214 -8.82 14.11 -19.55
C VAL A 214 -8.75 14.16 -21.09
N ASN A 215 -7.53 14.15 -21.60
CA ASN A 215 -7.30 14.21 -23.03
C ASN A 215 -7.33 12.82 -23.69
N GLY A 216 -7.69 11.81 -22.91
CA GLY A 216 -7.80 10.45 -23.43
C GLY A 216 -6.48 9.79 -23.76
N GLU A 217 -5.38 10.29 -23.20
CA GLU A 217 -4.07 9.74 -23.52
C GLU A 217 -3.70 8.48 -22.72
N MET A 218 -4.53 8.12 -21.76
CA MET A 218 -4.24 6.99 -20.87
C MET A 218 -5.19 5.83 -21.14
N ASP A 219 -4.78 4.62 -20.79
CA ASP A 219 -5.68 3.47 -20.81
C ASP A 219 -6.06 3.00 -19.40
N TRP A 220 -5.06 2.85 -18.54
CA TRP A 220 -5.24 2.18 -17.24
C TRP A 220 -4.50 2.93 -16.16
N THR A 221 -5.26 3.54 -15.26
CA THR A 221 -4.66 4.42 -14.27
C THR A 221 -5.38 4.25 -12.95
N SER A 222 -4.77 4.76 -11.89
CA SER A 222 -5.35 4.67 -10.55
C SER A 222 -5.05 5.94 -9.73
N SER A 223 -5.00 7.09 -10.40
CA SER A 223 -4.65 8.34 -9.72
C SER A 223 -5.85 9.07 -9.18
N PHE A 224 -5.61 9.99 -8.26
CA PHE A 224 -6.67 10.86 -7.83
C PHE A 224 -7.02 11.83 -8.96
N VAL A 225 -8.32 11.97 -9.23
CA VAL A 225 -8.84 12.89 -10.23
C VAL A 225 -9.91 13.78 -9.60
N PRO A 226 -9.67 15.10 -9.55
CA PRO A 226 -10.68 15.98 -8.94
C PRO A 226 -11.90 16.18 -9.85
N ASP A 227 -13.10 16.29 -9.25
CA ASP A 227 -14.34 16.55 -9.99
C ASP A 227 -14.45 15.60 -11.18
N ILE A 228 -14.31 14.32 -10.90
CA ILE A 228 -14.04 13.36 -11.97
C ILE A 228 -15.18 13.30 -12.99
N ASP A 229 -16.43 13.49 -12.55
CA ASP A 229 -17.53 13.38 -13.50
C ASP A 229 -17.52 14.52 -14.50
N ARG A 230 -17.13 15.71 -14.02
CA ARG A 230 -17.14 16.90 -14.85
C ARG A 230 -15.86 17.00 -15.69
N THR A 231 -14.73 16.60 -15.10
CA THR A 231 -13.46 16.79 -15.78
C THR A 231 -13.13 15.65 -16.75
N TYR A 232 -13.20 14.42 -16.26
CA TYR A 232 -12.71 13.29 -17.02
C TYR A 232 -13.83 12.51 -17.72
N ALA A 233 -14.88 12.18 -16.98
CA ALA A 233 -15.93 11.34 -17.54
C ALA A 233 -16.73 12.08 -18.61
N ALA A 234 -16.98 13.36 -18.40
CA ALA A 234 -17.79 14.13 -19.35
C ALA A 234 -17.06 14.36 -20.69
N ALA A 235 -15.75 14.20 -20.70
CA ALA A 235 -14.94 14.52 -21.87
C ALA A 235 -15.09 13.52 -23.04
N SER A 236 -15.50 12.29 -22.75
CA SER A 236 -15.61 11.25 -23.79
C SER A 236 -16.50 10.12 -23.30
N PRO A 237 -17.30 9.53 -24.21
CA PRO A 237 -18.08 8.36 -23.81
C PRO A 237 -17.20 7.16 -23.48
N LYS A 238 -15.91 7.21 -23.84
CA LYS A 238 -15.00 6.10 -23.58
C LYS A 238 -14.27 6.21 -22.24
N HIS A 239 -14.58 7.25 -21.46
CA HIS A 239 -13.88 7.49 -20.21
C HIS A 239 -14.68 6.94 -19.05
N HIS A 240 -14.14 5.93 -18.41
CA HIS A 240 -14.86 5.21 -17.37
C HIS A 240 -14.04 5.12 -16.10
N TYR A 241 -14.73 4.83 -14.99
CA TYR A 241 -14.04 4.57 -13.75
C TYR A 241 -14.88 3.66 -12.85
N TRP A 242 -14.22 3.09 -11.86
CA TRP A 242 -14.85 2.21 -10.87
C TRP A 242 -14.01 2.33 -9.61
N TYR A 243 -14.64 2.81 -8.54
CA TYR A 243 -13.93 3.09 -7.29
C TYR A 243 -14.39 2.17 -6.15
N PRO A 244 -13.93 0.91 -6.14
CA PRO A 244 -14.28 0.06 -5.00
C PRO A 244 -13.61 0.56 -3.71
N PRO A 245 -14.21 0.24 -2.56
CA PRO A 245 -13.70 0.78 -1.29
C PRO A 245 -12.32 0.25 -0.89
N ALA A 246 -11.50 1.11 -0.30
CA ALA A 246 -10.14 0.77 0.09
C ALA A 246 -9.89 0.93 1.60
N GLY A 247 -8.67 1.26 1.96
CA GLY A 247 -8.26 1.20 3.35
C GLY A 247 -8.39 2.50 4.11
N THR A 248 -7.86 2.44 5.32
CA THR A 248 -7.89 3.54 6.27
C THR A 248 -6.90 4.61 5.87
N GLN A 249 -7.25 5.86 6.14
CA GLN A 249 -6.29 6.95 6.07
C GLN A 249 -6.28 7.67 7.40
N ALA A 250 -5.11 8.13 7.83
CA ALA A 250 -4.95 8.72 9.16
C ALA A 250 -3.84 9.73 9.22
N PHE A 251 -3.90 10.57 10.25
CA PHE A 251 -2.76 11.34 10.71
C PHE A 251 -1.99 10.49 11.70
N VAL A 252 -0.72 10.30 11.40
CA VAL A 252 0.16 9.49 12.21
C VAL A 252 1.11 10.44 12.93
N VAL A 253 1.21 10.29 14.24
CA VAL A 253 2.11 11.15 14.99
C VAL A 253 3.37 10.42 15.43
N ASN A 254 4.48 11.15 15.42
CA ASN A 254 5.77 10.62 15.81
C ASN A 254 5.89 10.61 17.34
N PHE A 255 5.88 9.43 17.95
CA PHE A 255 6.01 9.29 19.40
C PHE A 255 7.45 9.52 19.85
N LYS A 256 8.39 9.59 18.90
CA LYS A 256 9.80 9.77 19.24
C LYS A 256 10.36 11.05 18.62
N ASN A 257 9.51 12.07 18.54
CA ASN A 257 9.95 13.35 18.01
C ASN A 257 11.11 13.90 18.85
N PRO A 258 12.20 14.32 18.19
CA PRO A 258 13.37 14.82 18.94
C PRO A 258 13.18 16.21 19.56
N ASP A 259 12.17 16.96 19.14
CA ASP A 259 11.91 18.27 19.74
C ASP A 259 11.16 18.13 21.06
N ALA A 260 11.68 18.75 22.12
CA ALA A 260 11.11 18.54 23.45
C ALA A 260 9.64 18.95 23.54
N ALA A 261 9.30 20.10 22.97
CA ALA A 261 7.95 20.61 23.04
C ALA A 261 6.98 19.75 22.23
N LYS A 262 7.38 19.41 21.02
CA LYS A 262 6.51 18.60 20.15
C LYS A 262 6.31 17.22 20.71
N ASN A 263 7.37 16.65 21.28
CA ASN A 263 7.30 15.33 21.92
C ASN A 263 6.28 15.35 23.05
N GLU A 264 6.34 16.41 23.87
CA GLU A 264 5.42 16.60 24.97
C GLU A 264 3.96 16.61 24.52
N ALA A 265 3.70 17.29 23.41
CA ALA A 265 2.35 17.30 22.86
C ALA A 265 1.97 15.95 22.28
N LEU A 266 2.80 15.43 21.38
CA LEU A 266 2.39 14.28 20.57
C LEU A 266 2.23 13.01 21.40
N THR A 267 3.02 12.86 22.45
CA THR A 267 2.95 11.66 23.29
C THR A 267 1.84 11.72 24.33
N ASN A 268 1.08 12.82 24.32
CA ASN A 268 -0.01 13.02 25.28
C ASN A 268 -1.35 12.57 24.68
N VAL A 269 -1.97 11.55 25.27
CA VAL A 269 -3.20 11.00 24.69
C VAL A 269 -4.37 12.00 24.71
N ASP A 270 -4.37 12.94 25.66
CA ASP A 270 -5.39 14.00 25.68
C ASP A 270 -5.22 14.87 24.46
N PHE A 271 -3.97 15.18 24.15
CA PHE A 271 -3.67 16.00 22.99
C PHE A 271 -4.06 15.30 21.68
N ARG A 272 -3.70 14.04 21.55
CA ARG A 272 -4.06 13.27 20.36
C ARG A 272 -5.58 13.22 20.21
N ARG A 273 -6.30 13.02 21.31
CA ARG A 273 -7.76 13.01 21.24
C ARG A 273 -8.33 14.39 20.89
N ALA A 274 -7.72 15.48 21.35
CA ALA A 274 -8.26 16.80 21.02
C ALA A 274 -7.98 17.13 19.56
N PHE A 275 -6.78 16.78 19.11
CA PHE A 275 -6.42 16.87 17.69
C PHE A 275 -7.50 16.18 16.87
N SER A 276 -7.82 14.96 17.28
CA SER A 276 -8.79 14.15 16.57
C SER A 276 -10.19 14.76 16.57
N MET A 277 -10.62 15.29 17.70
CA MET A 277 -11.92 15.95 17.77
C MET A 277 -11.99 17.26 16.98
N ALA A 278 -10.86 17.90 16.73
CA ALA A 278 -10.89 19.14 15.95
C ALA A 278 -11.24 18.91 14.49
N LEU A 279 -10.95 17.72 13.99
CA LEU A 279 -11.12 17.42 12.57
C LEU A 279 -12.60 17.25 12.20
N ASP A 280 -12.95 17.73 11.02
CA ASP A 280 -14.29 17.53 10.46
C ASP A 280 -14.13 16.57 9.30
N ARG A 281 -14.24 15.27 9.60
CA ARG A 281 -13.92 14.22 8.64
C ARG A 281 -14.84 14.26 7.41
N GLN A 282 -16.13 14.52 7.60
CA GLN A 282 -17.03 14.52 6.44
C GLN A 282 -16.70 15.68 5.49
N THR A 283 -16.30 16.82 6.06
CA THR A 283 -15.93 17.98 5.24
C THR A 283 -14.64 17.70 4.46
N ILE A 284 -13.71 17.00 5.09
CA ILE A 284 -12.50 16.56 4.39
C ILE A 284 -12.86 15.65 3.20
N ILE A 285 -13.79 14.73 3.42
CA ILE A 285 -14.23 13.84 2.35
C ILE A 285 -14.89 14.65 1.25
N ASP A 286 -15.78 15.57 1.64
CA ASP A 286 -16.55 16.36 0.68
C ASP A 286 -15.67 17.27 -0.17
N ILE A 287 -14.66 17.88 0.44
CA ILE A 287 -13.86 18.89 -0.25
C ILE A 287 -12.62 18.31 -0.91
N ALA A 288 -11.82 17.56 -0.15
CA ALA A 288 -10.54 17.06 -0.66
C ALA A 288 -10.70 15.86 -1.56
N PHE A 289 -11.76 15.08 -1.35
CA PHE A 289 -11.96 13.88 -2.14
C PHE A 289 -13.22 13.91 -3.00
N TYR A 290 -13.91 15.06 -3.00
CA TYR A 290 -15.13 15.21 -3.80
C TYR A 290 -16.17 14.14 -3.46
N GLY A 291 -16.25 13.79 -2.18
CA GLY A 291 -17.21 12.81 -1.71
C GLY A 291 -16.76 11.36 -1.74
N GLY A 292 -15.56 11.11 -2.25
CA GLY A 292 -15.08 9.75 -2.47
C GLY A 292 -14.41 9.08 -1.29
N GLY A 293 -15.18 8.89 -0.23
CA GLY A 293 -14.67 8.23 0.96
C GLY A 293 -15.74 8.12 2.01
N THR A 294 -15.41 7.45 3.10
CA THR A 294 -16.36 7.23 4.19
C THR A 294 -15.68 7.58 5.49
N VAL A 295 -16.41 8.29 6.34
CA VAL A 295 -15.89 8.73 7.62
C VAL A 295 -15.41 7.53 8.41
N ASN A 296 -14.25 7.67 9.03
CA ASN A 296 -13.72 6.62 9.88
C ASN A 296 -13.63 7.20 11.28
N ASP A 297 -14.55 6.81 12.14
CA ASP A 297 -14.60 7.36 13.50
C ASP A 297 -14.22 6.30 14.53
N PHE A 298 -13.48 5.29 14.07
CA PHE A 298 -12.94 4.25 14.94
C PHE A 298 -11.59 4.70 15.47
N ALA A 299 -11.48 4.89 16.78
CA ALA A 299 -10.18 5.20 17.39
C ALA A 299 -9.12 4.17 17.01
N SER A 300 -9.54 2.93 16.80
CA SER A 300 -8.61 1.87 16.41
C SER A 300 -8.32 1.90 14.92
N GLY A 301 -9.03 2.75 14.18
CA GLY A 301 -8.83 2.86 12.75
C GLY A 301 -9.49 1.78 11.91
N LEU A 302 -10.29 0.93 12.55
CA LEU A 302 -10.86 -0.26 11.88
C LEU A 302 -11.68 0.11 10.64
N GLY A 303 -12.55 1.11 10.79
CA GLY A 303 -13.34 1.59 9.68
C GLY A 303 -14.60 0.76 9.56
N TYR A 304 -15.57 1.25 8.82
CA TYR A 304 -16.88 0.62 8.82
C TYR A 304 -16.99 -0.63 7.96
N ALA A 305 -15.98 -0.90 7.12
CA ALA A 305 -16.07 -2.08 6.23
C ALA A 305 -15.83 -3.41 6.94
N PHE A 306 -15.53 -3.35 8.24
CA PHE A 306 -15.28 -4.57 9.00
C PHE A 306 -16.24 -4.72 10.16
N GLU A 307 -17.53 -4.58 9.89
CA GLU A 307 -18.50 -4.55 10.97
C GLU A 307 -18.66 -5.89 11.67
N ALA A 308 -18.50 -6.99 10.93
CA ALA A 308 -18.55 -8.30 11.55
C ALA A 308 -17.43 -8.46 12.59
N TRP A 309 -16.34 -7.70 12.43
CA TRP A 309 -15.18 -7.81 13.31
C TRP A 309 -15.23 -6.85 14.49
N SER A 310 -15.98 -5.77 14.36
CA SER A 310 -15.91 -4.71 15.36
C SER A 310 -16.55 -5.08 16.69
N ASP A 311 -15.83 -4.80 17.78
CA ASP A 311 -16.41 -4.78 19.11
C ASP A 311 -17.12 -3.44 19.26
N GLU A 312 -18.45 -3.45 19.16
CA GLU A 312 -19.17 -2.19 19.08
C GLU A 312 -19.15 -1.40 20.38
N LYS A 313 -18.90 -2.07 21.49
CA LYS A 313 -18.74 -1.38 22.77
C LYS A 313 -17.50 -0.50 22.74
N THR A 314 -16.42 -1.04 22.19
CA THR A 314 -15.16 -0.30 22.13
C THR A 314 -15.29 0.86 21.17
N HIS A 315 -15.90 0.59 20.04
CA HIS A 315 -16.09 1.61 19.02
C HIS A 315 -16.89 2.76 19.62
N ASP A 316 -17.95 2.40 20.34
CA ASP A 316 -18.83 3.39 20.95
C ASP A 316 -18.16 4.16 22.06
N LYS A 317 -17.26 3.50 22.77
CA LYS A 317 -16.62 4.16 23.91
C LYS A 317 -15.70 5.29 23.48
N PHE A 318 -15.10 5.16 22.31
CA PHE A 318 -14.05 6.08 21.92
C PHE A 318 -14.43 6.90 20.68
N LYS A 319 -15.62 6.67 20.18
CA LYS A 319 -16.14 7.33 19.00
C LYS A 319 -16.21 8.85 19.17
N ALA A 320 -16.57 9.29 20.37
CA ALA A 320 -16.65 10.73 20.68
C ALA A 320 -15.32 11.43 20.46
N TYR A 321 -14.21 10.72 20.70
CA TYR A 321 -12.90 11.34 20.49
C TYR A 321 -12.54 11.40 19.02
N ASN A 322 -13.35 10.74 18.19
CA ASN A 322 -13.02 10.63 16.78
C ASN A 322 -14.17 11.16 15.94
N SER A 323 -14.90 12.10 16.52
CA SER A 323 -16.02 12.81 15.90
C SER A 323 -15.77 14.32 16.01
N TYR A 324 -16.20 15.07 15.00
CA TYR A 324 -16.09 16.52 15.00
C TYR A 324 -16.72 17.17 16.23
N ASN A 325 -15.89 17.79 17.05
CA ASN A 325 -16.38 18.45 18.26
C ASN A 325 -15.39 19.51 18.69
N ALA A 326 -15.47 20.68 18.05
CA ALA A 326 -14.52 21.77 18.29
C ALA A 326 -14.48 22.19 19.76
N GLU A 327 -15.67 22.36 20.35
CA GLU A 327 -15.79 22.79 21.75
C GLU A 327 -15.24 21.72 22.68
N GLY A 328 -15.55 20.47 22.36
CA GLY A 328 -15.01 19.33 23.09
C GLY A 328 -13.50 19.34 23.05
N ALA A 329 -12.93 19.65 21.88
CA ALA A 329 -11.48 19.67 21.75
C ALA A 329 -10.87 20.80 22.58
N LYS A 330 -11.47 21.97 22.53
CA LYS A 330 -10.99 23.10 23.33
C LYS A 330 -11.07 22.78 24.82
N LYS A 331 -12.17 22.15 25.21
CA LYS A 331 -12.39 21.83 26.62
C LYS A 331 -11.37 20.79 27.08
N LEU A 332 -11.07 19.82 26.22
CA LEU A 332 -10.10 18.78 26.58
C LEU A 332 -8.68 19.35 26.66
N LEU A 333 -8.32 20.26 25.76
CA LEU A 333 -6.99 20.87 25.81
C LEU A 333 -6.83 21.61 27.14
N ALA A 334 -7.88 22.30 27.54
CA ALA A 334 -7.89 23.02 28.80
C ALA A 334 -7.77 22.05 29.98
N LYS A 335 -8.57 20.98 29.99
CA LYS A 335 -8.52 20.02 31.10
C LYS A 335 -7.14 19.39 31.22
N ALA A 336 -6.53 19.10 30.07
CA ALA A 336 -5.23 18.45 30.04
C ALA A 336 -4.12 19.40 30.47
N GLY A 337 -4.33 20.70 30.26
CA GLY A 337 -3.34 21.68 30.65
C GLY A 337 -2.50 22.28 29.53
N PHE A 338 -2.99 22.13 28.30
CA PHE A 338 -2.42 22.83 27.15
C PHE A 338 -3.02 24.23 27.12
N LYS A 339 -2.35 25.14 27.80
CA LYS A 339 -2.86 26.48 28.01
C LYS A 339 -2.06 27.48 27.18
N ASP A 340 -2.73 28.45 26.55
CA ASP A 340 -2.03 29.50 25.83
C ASP A 340 -1.41 30.46 26.84
N VAL A 341 -0.10 30.51 26.94
CA VAL A 341 0.52 31.39 27.93
C VAL A 341 1.33 32.51 27.29
N ASN A 342 1.21 32.70 25.98
CA ASN A 342 1.85 33.87 25.36
C ASN A 342 0.95 34.63 24.39
N LYS A 343 -0.34 34.61 24.64
CA LYS A 343 -1.30 35.52 23.99
C LYS A 343 -1.31 35.47 22.47
N ASP A 344 -1.06 34.30 21.88
CA ASP A 344 -1.12 34.22 20.42
C ASP A 344 -2.30 33.35 19.98
N GLY A 345 -3.12 32.91 20.93
CA GLY A 345 -4.29 32.12 20.61
C GLY A 345 -4.01 30.64 20.37
N PHE A 346 -2.74 30.25 20.46
CA PHE A 346 -2.38 28.85 20.24
C PHE A 346 -1.90 28.21 21.54
N VAL A 347 -2.39 27.01 21.85
CA VAL A 347 -2.06 26.40 23.13
C VAL A 347 -0.59 26.07 23.18
N ASP A 348 -0.03 26.14 24.38
CA ASP A 348 1.34 25.77 24.60
C ASP A 348 1.36 24.51 25.45
N THR A 349 2.50 23.83 25.53
CA THR A 349 2.56 22.60 26.29
C THR A 349 2.37 22.84 27.78
N PRO A 350 2.09 21.77 28.55
CA PRO A 350 2.08 21.91 30.01
C PRO A 350 3.35 22.56 30.61
N SER A 351 4.53 22.35 30.03
CA SER A 351 5.74 23.01 30.56
C SER A 351 5.87 24.46 30.06
N GLY A 352 4.90 24.90 29.27
CA GLY A 352 4.81 26.29 28.87
C GLY A 352 5.44 26.62 27.54
N LYS A 353 5.81 25.60 26.78
CA LYS A 353 6.55 25.80 25.54
C LYS A 353 5.64 25.93 24.35
N SER A 354 5.96 26.89 23.47
CA SER A 354 5.21 27.05 22.22
C SER A 354 5.68 26.02 21.23
N PHE A 355 4.81 25.68 20.29
CA PHE A 355 5.15 24.70 19.28
C PHE A 355 4.20 24.83 18.11
N GLU A 356 4.68 24.40 16.95
CA GLU A 356 3.85 24.31 15.77
C GLU A 356 4.10 22.96 15.14
N LEU A 357 3.03 22.20 14.91
CA LEU A 357 3.13 20.90 14.29
C LEU A 357 3.35 20.99 12.79
N LEU A 358 4.38 20.32 12.30
CA LEU A 358 4.60 20.27 10.86
C LEU A 358 3.94 18.99 10.33
N ILE A 359 2.93 19.14 9.48
CA ILE A 359 2.19 17.99 8.99
C ILE A 359 2.52 17.75 7.53
N GLN A 360 3.07 16.57 7.23
CA GLN A 360 3.55 16.27 5.89
C GLN A 360 2.69 15.26 5.15
N SER A 361 2.58 15.46 3.84
CA SER A 361 1.99 14.48 2.93
C SER A 361 2.85 14.52 1.68
N PRO A 362 2.74 13.50 0.80
CA PRO A 362 3.64 13.47 -0.36
C PRO A 362 3.37 14.54 -1.41
N ASN A 363 4.45 15.02 -2.00
CA ASN A 363 4.39 15.98 -3.09
C ASN A 363 3.61 15.40 -4.26
N GLY A 364 2.67 16.18 -4.78
CA GLY A 364 1.87 15.74 -5.91
C GLY A 364 0.67 14.87 -5.59
N TRP A 365 0.56 14.37 -4.35
CA TRP A 365 -0.65 13.63 -3.96
C TRP A 365 -1.67 14.64 -3.47
N THR A 366 -2.29 15.33 -4.41
CA THR A 366 -3.03 16.54 -4.08
C THR A 366 -4.23 16.33 -3.17
N ASP A 367 -4.91 15.19 -3.29
CA ASP A 367 -6.02 14.90 -2.37
C ASP A 367 -5.51 14.87 -0.92
N PHE A 368 -4.33 14.28 -0.69
CA PHE A 368 -3.76 14.27 0.66
C PHE A 368 -3.26 15.66 1.07
N ASN A 369 -2.67 16.39 0.11
CA ASN A 369 -2.19 17.74 0.39
C ASN A 369 -3.33 18.62 0.89
N ASN A 370 -4.47 18.50 0.22
CA ASN A 370 -5.63 19.33 0.54
C ASN A 370 -6.26 18.91 1.87
N THR A 371 -6.22 17.61 2.12
CA THR A 371 -6.66 17.09 3.41
C THR A 371 -5.86 17.72 4.53
N VAL A 372 -4.54 17.73 4.39
CA VAL A 372 -3.67 18.33 5.39
C VAL A 372 -3.96 19.82 5.54
N GLN A 373 -4.24 20.54 4.45
CA GLN A 373 -4.48 21.97 4.60
C GLN A 373 -5.81 22.24 5.29
N LEU A 374 -6.83 21.44 4.99
CA LEU A 374 -8.09 21.53 5.73
C LEU A 374 -7.87 21.25 7.21
N ALA A 375 -7.07 20.23 7.51
CA ALA A 375 -6.83 19.90 8.92
C ALA A 375 -6.11 21.02 9.64
N VAL A 376 -5.16 21.65 8.95
CA VAL A 376 -4.47 22.81 9.51
C VAL A 376 -5.45 23.89 9.96
N GLU A 377 -6.41 24.20 9.08
CA GLU A 377 -7.42 25.22 9.37
C GLU A 377 -8.35 24.79 10.51
N GLN A 378 -8.73 23.52 10.54
CA GLN A 378 -9.59 22.99 11.60
C GLN A 378 -8.85 22.96 12.94
N LEU A 379 -7.56 22.62 12.90
CA LEU A 379 -6.78 22.62 14.14
C LEU A 379 -6.65 24.03 14.71
N ALA A 380 -6.45 25.01 13.83
CA ALA A 380 -6.31 26.40 14.29
C ALA A 380 -7.55 26.86 15.05
N GLU A 381 -8.73 26.36 14.66
CA GLU A 381 -9.98 26.77 15.29
C GLU A 381 -10.10 26.30 16.74
N VAL A 382 -9.31 25.29 17.13
CA VAL A 382 -9.32 24.88 18.53
C VAL A 382 -8.01 25.27 19.21
N GLY A 383 -7.19 26.06 18.51
CA GLY A 383 -5.99 26.61 19.11
C GLY A 383 -4.75 25.74 18.99
N ILE A 384 -4.76 24.80 18.06
CA ILE A 384 -3.59 23.96 17.83
C ILE A 384 -2.85 24.47 16.59
N LYS A 385 -1.62 24.93 16.77
CA LYS A 385 -0.85 25.51 15.68
C LYS A 385 -0.17 24.43 14.85
N ALA A 386 -0.40 24.48 13.54
CA ALA A 386 0.12 23.50 12.61
C ALA A 386 0.33 24.18 11.27
N ARG A 387 1.22 23.64 10.46
CA ARG A 387 1.28 24.06 9.06
C ARG A 387 1.75 22.92 8.20
N ALA A 388 1.40 23.01 6.93
CA ALA A 388 1.59 21.90 6.01
C ALA A 388 2.95 21.90 5.32
N ARG A 389 3.41 20.69 5.00
CA ARG A 389 4.59 20.49 4.17
C ARG A 389 4.25 19.39 3.18
N THR A 390 4.71 19.53 1.93
CA THR A 390 4.40 18.53 0.90
C THR A 390 5.64 17.94 0.24
N PRO A 391 6.53 17.33 1.03
CA PRO A 391 7.82 16.87 0.50
C PRO A 391 7.70 15.75 -0.49
N ASP A 392 8.64 15.70 -1.42
CA ASP A 392 8.83 14.57 -2.30
C ASP A 392 8.61 13.26 -1.54
N PHE A 393 7.93 12.29 -2.18
CA PHE A 393 7.61 11.03 -1.51
C PHE A 393 8.81 10.39 -0.80
N SER A 394 9.97 10.35 -1.45
N SER A 394 9.97 10.35 -1.45
CA SER A 394 11.16 9.75 -0.83
CA SER A 394 11.15 9.75 -0.84
C SER A 394 11.56 10.50 0.43
C SER A 394 11.59 10.49 0.42
N VAL A 395 11.52 11.82 0.37
CA VAL A 395 11.82 12.64 1.54
C VAL A 395 10.78 12.44 2.65
N TYR A 396 9.50 12.48 2.28
CA TYR A 396 8.36 12.17 3.15
C TYR A 396 8.56 10.82 3.82
N ASN A 397 8.84 9.82 2.99
CA ASN A 397 9.04 8.46 3.47
C ASN A 397 10.21 8.35 4.44
N GLN A 398 11.35 8.93 4.04
CA GLN A 398 12.56 8.84 4.83
C GLN A 398 12.40 9.52 6.18
N ALA A 399 11.69 10.65 6.22
CA ALA A 399 11.46 11.34 7.49
C ALA A 399 10.71 10.45 8.47
N MET A 400 9.83 9.59 7.95
CA MET A 400 9.06 8.68 8.80
C MET A 400 9.95 7.53 9.26
N LEU A 401 10.68 6.95 8.31
CA LEU A 401 11.63 5.88 8.62
C LEU A 401 12.62 6.31 9.69
N GLU A 402 13.14 7.54 9.57
CA GLU A 402 14.16 8.05 10.50
C GLU A 402 13.57 8.76 11.73
N GLY A 403 12.26 8.90 11.78
CA GLY A 403 11.61 9.56 12.91
C GLY A 403 11.92 11.04 13.09
N THR A 404 12.02 11.77 12.00
CA THR A 404 12.32 13.20 12.08
C THR A 404 11.11 14.08 11.80
N TYR A 405 9.99 13.45 11.41
CA TYR A 405 8.74 14.15 11.15
C TYR A 405 7.94 14.44 12.43
N ASP A 406 6.95 15.32 12.33
CA ASP A 406 6.03 15.55 13.44
C ASP A 406 4.76 14.71 13.26
N VAL A 407 3.97 15.09 12.27
CA VAL A 407 2.72 14.40 11.92
C VAL A 407 2.71 14.11 10.44
N ALA A 408 2.22 12.96 10.04
CA ALA A 408 2.12 12.66 8.61
C ALA A 408 0.72 12.13 8.30
N TYR A 409 0.19 12.53 7.15
CA TYR A 409 -1.05 11.97 6.64
C TYR A 409 -0.71 10.80 5.73
N THR A 410 -1.33 9.65 5.96
CA THR A 410 -1.00 8.50 5.14
C THR A 410 -2.17 7.58 4.97
N ASN A 411 -2.19 6.86 3.84
CA ASN A 411 -3.08 5.72 3.71
C ASN A 411 -2.36 4.45 4.09
N TYR A 412 -3.10 3.33 4.08
CA TYR A 412 -2.57 2.04 4.48
C TYR A 412 -3.00 0.96 3.53
N PHE A 413 -2.27 -0.16 3.53
CA PHE A 413 -2.74 -1.38 2.89
C PHE A 413 -4.09 -1.74 3.46
N HIS A 414 -4.90 -2.39 2.63
CA HIS A 414 -6.23 -2.81 3.00
C HIS A 414 -6.37 -4.26 2.54
N GLY A 415 -6.99 -5.10 3.37
CA GLY A 415 -7.10 -6.51 3.03
C GLY A 415 -8.47 -7.05 3.32
N ALA A 416 -8.61 -8.37 3.20
CA ALA A 416 -9.91 -9.01 3.36
C ALA A 416 -10.31 -9.14 4.82
N ASP A 417 -9.35 -8.94 5.72
CA ASP A 417 -9.66 -8.90 7.15
C ASP A 417 -8.83 -7.78 7.82
N PRO A 418 -9.12 -7.48 9.11
CA PRO A 418 -8.47 -6.32 9.73
C PRO A 418 -6.96 -6.42 9.92
N TYR A 419 -6.40 -7.60 9.79
CA TYR A 419 -4.97 -7.80 10.08
C TYR A 419 -4.04 -7.06 9.12
N THR A 420 -4.43 -6.97 7.86
CA THR A 420 -3.58 -6.27 6.90
C THR A 420 -3.33 -4.86 7.42
N TYR A 421 -4.39 -4.14 7.77
CA TYR A 421 -4.21 -2.80 8.33
C TYR A 421 -3.52 -2.81 9.70
N TRP A 422 -4.08 -3.54 10.66
CA TRP A 422 -3.54 -3.47 12.03
C TRP A 422 -2.09 -3.94 12.12
N ASN A 423 -1.74 -5.03 11.45
CA ASN A 423 -0.37 -5.51 11.52
C ASN A 423 0.58 -4.53 10.85
N SER A 424 0.25 -4.09 9.63
CA SER A 424 1.17 -3.20 8.93
C SER A 424 1.28 -1.85 9.65
N ALA A 425 0.21 -1.44 10.31
CA ALA A 425 0.20 -0.11 10.94
C ALA A 425 0.71 -0.07 12.38
N TYR A 426 0.76 -1.22 13.08
CA TYR A 426 1.04 -1.17 14.53
C TYR A 426 2.05 -2.19 15.04
N ASN A 427 2.43 -3.17 14.23
CA ASN A 427 3.41 -4.14 14.70
C ASN A 427 4.79 -3.49 14.81
N SER A 428 5.33 -3.43 16.02
CA SER A 428 6.57 -2.67 16.23
C SER A 428 7.81 -3.34 15.65
N ALA A 429 7.71 -4.61 15.27
CA ALA A 429 8.77 -5.28 14.54
C ALA A 429 8.98 -4.64 13.16
N LEU A 430 7.93 -3.99 12.65
CA LEU A 430 8.00 -3.37 11.34
C LEU A 430 8.50 -1.93 11.42
N GLN A 431 8.96 -1.52 12.61
CA GLN A 431 9.52 -0.19 12.79
C GLN A 431 11.05 -0.18 12.54
N SER A 432 11.61 -1.36 12.32
CA SER A 432 13.04 -1.51 12.07
C SER A 432 13.32 -2.46 10.90
N GLY A 433 14.34 -2.13 10.11
CA GLY A 433 14.69 -2.93 8.94
C GLY A 433 14.79 -2.02 7.73
N ASP A 434 15.84 -2.17 6.93
CA ASP A 434 16.09 -1.22 5.85
C ASP A 434 15.16 -1.38 4.66
N GLY A 435 14.32 -2.42 4.69
CA GLY A 435 13.37 -2.65 3.63
C GLY A 435 11.97 -2.24 4.02
N MET A 436 11.81 -1.73 5.25
CA MET A 436 10.49 -1.43 5.81
C MET A 436 9.87 -0.19 5.19
N PRO A 437 8.53 -0.22 4.98
CA PRO A 437 7.77 0.95 4.56
C PRO A 437 7.43 1.82 5.77
N ARG A 438 6.72 2.92 5.53
CA ARG A 438 6.45 3.94 6.52
C ARG A 438 5.39 3.61 7.57
N PHE A 439 4.58 2.60 7.30
CA PHE A 439 3.26 2.52 7.91
C PHE A 439 3.25 2.38 9.42
N ALA A 440 4.24 1.70 9.97
CA ALA A 440 4.28 1.53 11.41
C ALA A 440 5.18 2.55 12.10
N MET A 441 5.71 3.52 11.36
CA MET A 441 6.70 4.45 11.90
C MET A 441 6.15 5.59 12.75
N HIS A 442 5.25 5.28 13.68
CA HIS A 442 4.88 6.19 14.75
C HIS A 442 5.75 5.98 16.00
N PHE A 443 6.30 4.77 16.09
CA PHE A 443 7.25 4.36 17.13
C PHE A 443 6.57 4.25 18.48
N TYR A 444 5.26 4.08 18.43
CA TYR A 444 4.52 3.56 19.58
C TYR A 444 4.80 2.07 19.67
N LYS A 445 5.10 1.59 20.87
CA LYS A 445 5.38 0.16 21.05
C LYS A 445 4.56 -0.38 22.22
N ASN A 446 3.88 -1.49 21.98
CA ASN A 446 3.06 -2.11 23.00
C ASN A 446 3.24 -3.62 22.86
N GLU A 447 3.84 -4.24 23.87
CA GLU A 447 4.22 -5.65 23.78
C GLU A 447 3.00 -6.56 23.74
N LYS A 448 1.95 -6.19 24.46
CA LYS A 448 0.74 -6.97 24.47
C LYS A 448 0.09 -6.94 23.09
N LEU A 449 0.16 -5.77 22.46
CA LEU A 449 -0.40 -5.57 21.12
C LEU A 449 0.35 -6.41 20.10
N ASP A 450 1.67 -6.37 20.16
CA ASP A 450 2.51 -7.20 19.28
C ASP A 450 2.13 -8.67 19.46
N GLY A 451 1.92 -9.07 20.70
CA GLY A 451 1.59 -10.45 21.01
C GLY A 451 0.28 -10.88 20.37
N LEU A 452 -0.74 -10.02 20.47
CA LEU A 452 -2.03 -10.32 19.86
C LEU A 452 -1.93 -10.39 18.33
N LEU A 453 -1.20 -9.45 17.74
CA LEU A 453 -1.02 -9.44 16.29
C LEU A 453 -0.34 -10.73 15.82
N ASN A 454 0.69 -11.13 16.54
CA ASN A 454 1.49 -12.29 16.15
C ASN A 454 0.75 -13.61 16.39
N SER A 455 -0.41 -13.53 17.05
CA SER A 455 -1.29 -14.68 17.35
C SER A 455 -2.52 -14.76 16.48
N PHE A 456 -2.71 -13.77 15.61
CA PHE A 456 -3.94 -13.64 14.85
C PHE A 456 -4.25 -14.88 14.00
N TYR A 457 -3.23 -15.51 13.46
CA TYR A 457 -3.42 -16.70 12.63
C TYR A 457 -2.79 -17.94 13.24
N LYS A 458 -2.71 -17.98 14.56
CA LYS A 458 -1.95 -19.00 15.28
C LYS A 458 -2.82 -20.19 15.66
N THR A 459 -4.09 -19.93 15.93
CA THR A 459 -5.04 -21.00 16.17
C THR A 459 -6.07 -21.05 15.05
N ALA A 460 -6.42 -22.24 14.64
CA ALA A 460 -7.51 -22.44 13.70
C ALA A 460 -8.85 -22.41 14.43
N ASP A 461 -9.09 -21.34 15.18
CA ASP A 461 -10.31 -21.19 15.96
C ASP A 461 -10.90 -19.81 15.68
N LYS A 462 -11.99 -19.76 14.92
CA LYS A 462 -12.51 -18.48 14.44
C LYS A 462 -13.01 -17.56 15.57
N GLN A 463 -13.47 -18.16 16.65
CA GLN A 463 -13.99 -17.36 17.77
C GLN A 463 -12.82 -16.71 18.49
N GLU A 464 -11.76 -17.49 18.71
CA GLU A 464 -10.57 -16.97 19.35
C GLU A 464 -9.95 -15.86 18.52
N GLN A 465 -9.96 -16.04 17.20
CA GLN A 465 -9.37 -15.02 16.33
C GLN A 465 -10.16 -13.72 16.43
N LEU A 466 -11.48 -13.84 16.58
CA LEU A 466 -12.35 -12.69 16.78
C LEU A 466 -12.03 -12.03 18.14
N GLU A 467 -11.78 -12.82 19.16
CA GLU A 467 -11.45 -12.23 20.45
C GLU A 467 -10.11 -11.51 20.41
N ILE A 468 -9.18 -12.08 19.66
CA ILE A 468 -7.88 -11.45 19.47
C ILE A 468 -8.06 -10.09 18.79
N ALA A 469 -8.93 -10.05 17.76
CA ALA A 469 -9.22 -8.80 17.08
C ALA A 469 -9.82 -7.77 18.05
N HIS A 470 -10.73 -8.22 18.89
CA HIS A 470 -11.34 -7.31 19.85
C HIS A 470 -10.29 -6.76 20.82
N GLY A 471 -9.33 -7.60 21.20
CA GLY A 471 -8.27 -7.17 22.09
C GLY A 471 -7.40 -6.13 21.42
N ILE A 472 -7.14 -6.31 20.13
CA ILE A 472 -6.31 -5.38 19.39
C ILE A 472 -7.03 -4.04 19.31
N GLN A 473 -8.31 -4.10 18.97
CA GLN A 473 -9.13 -2.89 18.80
C GLN A 473 -9.15 -2.07 20.09
N GLN A 474 -9.23 -2.76 21.23
CA GLN A 474 -9.28 -2.07 22.51
C GLN A 474 -7.97 -1.33 22.83
N ILE A 475 -6.85 -1.99 22.59
CA ILE A 475 -5.56 -1.38 22.91
C ILE A 475 -5.34 -0.11 22.09
N ILE A 476 -5.54 -0.22 20.79
CA ILE A 476 -5.27 0.91 19.89
C ILE A 476 -6.25 2.04 20.16
N ALA A 477 -7.51 1.70 20.34
CA ALA A 477 -8.53 2.71 20.61
C ALA A 477 -8.24 3.47 21.91
N GLN A 478 -7.98 2.76 22.98
CA GLN A 478 -7.84 3.44 24.27
C GLN A 478 -6.61 4.36 24.28
N ASP A 479 -5.61 4.03 23.47
CA ASP A 479 -4.41 4.84 23.43
C ASP A 479 -4.38 5.85 22.30
N GLN A 480 -5.46 5.92 21.53
CA GLN A 480 -5.58 6.84 20.39
C GLN A 480 -4.22 6.94 19.68
N VAL A 481 -3.70 5.81 19.24
CA VAL A 481 -2.33 5.78 18.74
C VAL A 481 -2.17 6.68 17.52
N THR A 482 -3.10 6.56 16.57
CA THR A 482 -3.12 7.47 15.45
C THR A 482 -4.42 8.26 15.48
N ILE A 483 -4.62 9.09 14.46
CA ILE A 483 -5.87 9.83 14.32
C ILE A 483 -6.48 9.43 12.98
N PRO A 484 -7.36 8.41 13.01
CA PRO A 484 -8.01 7.94 11.78
C PRO A 484 -8.97 8.98 11.26
N VAL A 485 -9.04 9.11 9.94
CA VAL A 485 -9.82 10.16 9.31
C VAL A 485 -10.93 9.58 8.45
N LEU A 486 -10.57 8.65 7.58
CA LEU A 486 -11.55 8.14 6.62
C LEU A 486 -11.14 6.77 6.10
N SER A 487 -12.07 6.14 5.39
CA SER A 487 -11.77 4.95 4.60
C SER A 487 -11.87 5.36 3.14
N GLY A 488 -10.80 5.15 2.37
CA GLY A 488 -10.73 5.69 1.04
C GLY A 488 -11.26 4.75 -0.04
N ALA A 489 -10.80 4.98 -1.25
CA ALA A 489 -11.25 4.25 -2.42
C ALA A 489 -10.06 3.76 -3.27
N TYR A 490 -10.27 2.64 -3.97
CA TYR A 490 -9.28 2.15 -4.93
C TYR A 490 -9.49 2.89 -6.24
N MET A 491 -8.85 4.05 -6.39
CA MET A 491 -9.12 4.87 -7.56
C MET A 491 -8.70 4.12 -8.81
N TYR A 492 -9.53 4.16 -9.83
CA TYR A 492 -9.24 3.40 -11.03
C TYR A 492 -10.01 3.97 -12.19
N GLN A 493 -9.29 4.37 -13.23
CA GLN A 493 -9.90 4.91 -14.43
C GLN A 493 -9.47 4.05 -15.59
N TYR A 494 -10.41 3.76 -16.49
CA TYR A 494 -10.07 2.99 -17.67
C TYR A 494 -10.70 3.59 -18.90
N ASN A 495 -10.04 3.36 -20.03
CA ASN A 495 -10.41 3.91 -21.31
C ASN A 495 -10.81 2.78 -22.26
N THR A 496 -11.99 2.84 -22.83
CA THR A 496 -12.41 1.77 -23.74
C THR A 496 -12.08 2.09 -25.21
N THR A 497 -11.28 3.12 -25.47
CA THR A 497 -10.94 3.47 -26.85
C THR A 497 -10.11 2.39 -27.55
N ARG A 498 -9.14 1.86 -26.84
CA ARG A 498 -8.16 0.96 -27.45
C ARG A 498 -8.25 -0.47 -26.93
N PHE A 499 -8.92 -0.65 -25.79
CA PHE A 499 -8.98 -1.96 -25.15
C PHE A 499 -10.34 -2.23 -24.56
N THR A 500 -10.70 -3.51 -24.48
CA THR A 500 -11.91 -3.95 -23.79
C THR A 500 -11.56 -5.10 -22.84
N GLY A 501 -12.50 -5.51 -21.99
CA GLY A 501 -12.29 -6.61 -21.06
C GLY A 501 -12.03 -6.16 -19.63
N TRP A 502 -12.10 -4.85 -19.42
CA TRP A 502 -11.85 -4.22 -18.14
C TRP A 502 -12.74 -4.73 -17.03
N TRP A 503 -12.15 -4.85 -15.85
CA TRP A 503 -12.92 -5.03 -14.63
C TRP A 503 -13.66 -3.72 -14.33
N ASN A 504 -14.89 -3.83 -13.85
CA ASN A 504 -15.66 -2.64 -13.48
C ASN A 504 -16.79 -3.09 -12.55
N GLU A 505 -17.74 -2.20 -12.28
CA GLU A 505 -18.76 -2.53 -11.30
C GLU A 505 -19.67 -3.66 -11.79
N GLU A 506 -19.79 -3.80 -13.11
CA GLU A 506 -20.58 -4.89 -13.68
C GLU A 506 -19.75 -6.15 -13.91
N ASN A 507 -18.43 -6.00 -13.83
CA ASN A 507 -17.47 -7.09 -14.00
C ASN A 507 -16.41 -7.03 -12.89
N PRO A 508 -16.86 -7.20 -11.62
CA PRO A 508 -15.97 -6.84 -10.51
C PRO A 508 -15.07 -7.99 -10.09
N LYS A 509 -14.19 -8.40 -10.99
CA LYS A 509 -13.40 -9.61 -10.80
C LYS A 509 -12.31 -9.52 -9.73
N GLY A 510 -11.86 -8.30 -9.38
CA GLY A 510 -10.85 -8.13 -8.35
C GLY A 510 -10.47 -6.66 -8.24
N ARG A 511 -9.56 -6.33 -7.32
CA ARG A 511 -9.03 -4.98 -7.24
C ARG A 511 -8.50 -4.60 -8.62
N PRO A 512 -8.98 -3.49 -9.18
CA PRO A 512 -8.72 -3.18 -10.58
C PRO A 512 -7.47 -2.30 -10.81
N ASN A 513 -6.74 -1.98 -9.76
CA ASN A 513 -5.73 -0.92 -9.87
C ASN A 513 -4.41 -1.33 -10.50
N ILE A 514 -3.67 -0.33 -10.95
CA ILE A 514 -2.45 -0.57 -11.71
C ILE A 514 -1.20 -0.38 -10.85
N TRP A 515 -1.36 0.07 -9.61
CA TRP A 515 -0.22 0.25 -8.70
C TRP A 515 0.60 -1.03 -8.51
N ALA A 516 1.91 -0.90 -8.34
CA ALA A 516 2.65 -2.04 -7.82
C ALA A 516 2.09 -2.35 -6.43
N GLY A 517 2.20 -3.60 -5.98
CA GLY A 517 1.61 -3.99 -4.71
C GLY A 517 0.15 -4.43 -4.84
N ILE A 518 -0.35 -4.45 -6.08
CA ILE A 518 -1.66 -4.99 -6.37
C ILE A 518 -1.46 -6.14 -7.35
N PRO A 519 -1.19 -7.33 -6.83
CA PRO A 519 -0.81 -8.47 -7.68
C PRO A 519 -1.92 -8.86 -8.64
N GLU A 520 -3.17 -8.55 -8.30
CA GLU A 520 -4.29 -8.80 -9.21
C GLU A 520 -4.15 -8.09 -10.56
N ARG A 521 -3.26 -7.11 -10.67
CA ARG A 521 -3.11 -6.40 -11.95
C ARG A 521 -2.58 -7.36 -13.03
N LEU A 522 -1.88 -8.41 -12.60
CA LEU A 522 -1.51 -9.50 -13.51
C LEU A 522 -2.74 -10.17 -14.09
N LEU A 523 -3.68 -10.53 -13.23
CA LEU A 523 -4.89 -11.19 -13.68
C LEU A 523 -5.70 -10.26 -14.57
N HIS A 524 -5.70 -8.99 -14.21
CA HIS A 524 -6.47 -7.98 -14.95
C HIS A 524 -5.96 -7.81 -16.38
N VAL A 525 -4.64 -7.70 -16.55
CA VAL A 525 -4.09 -7.46 -17.90
C VAL A 525 -4.29 -8.69 -18.78
N LEU A 526 -4.44 -9.87 -18.16
CA LEU A 526 -4.75 -11.10 -18.89
C LEU A 526 -6.17 -11.15 -19.40
N ASP A 527 -7.01 -10.20 -18.99
CA ASP A 527 -8.38 -10.13 -19.49
C ASP A 527 -8.57 -9.10 -20.60
N LEU A 528 -7.58 -8.24 -20.81
CA LEU A 528 -7.76 -7.14 -21.75
C LEU A 528 -7.49 -7.54 -23.21
N LYS A 529 -8.33 -7.00 -24.09
CA LYS A 529 -8.21 -7.28 -25.52
C LYS A 529 -8.19 -5.98 -26.30
N PRO A 530 -7.31 -5.88 -27.29
CA PRO A 530 -7.26 -4.66 -28.10
C PRO A 530 -8.52 -4.48 -28.92
N VAL A 531 -8.87 -3.22 -29.15
CA VAL A 531 -10.01 -2.84 -29.97
C VAL A 531 -9.54 -2.53 -31.38
N LYS A 532 -10.31 -2.94 -32.39
CA LYS A 532 -10.08 -2.50 -33.76
C LYS A 532 -10.30 -0.97 -33.87
N LEU A 533 -9.21 -0.23 -34.04
CA LEU A 533 -9.28 1.23 -34.13
C LEU A 533 -10.17 1.68 -35.29
N GLU A 534 -10.84 2.82 -35.13
CA GLU A 534 -11.65 3.34 -36.22
C GLU A 534 -10.76 4.05 -37.22
N HIS A 535 -11.10 3.89 -38.50
CA HIS A 535 -10.28 4.38 -39.59
C HIS A 535 -10.28 5.91 -39.70
N HIS A 536 -9.10 6.47 -39.92
CA HIS A 536 -9.00 7.92 -40.14
C HIS A 536 -7.84 8.26 -41.07
N HIS A 537 -7.87 9.52 -41.51
CA HIS A 537 -7.17 10.07 -42.68
C HIS A 537 -5.78 9.56 -43.01
N HIS A 538 -5.46 9.64 -44.30
CA HIS A 538 -4.15 9.29 -44.86
C HIS A 538 -3.58 7.99 -44.30
#